data_7MB7
#
_entry.id   7MB7
#
_cell.length_a   99.437
_cell.length_b   79.399
_cell.length_c   52.099
_cell.angle_alpha   90.000
_cell.angle_beta   114.470
_cell.angle_gamma   90.000
#
_symmetry.space_group_name_H-M   'C 1 2 1'
#
loop_
_entity.id
_entity.type
_entity.pdbx_description
1 polymer '3C-like proteinase'
2 polymer ASN-ARG-ALA-THR-LEU-GLN
3 water water
#
loop_
_entity_poly.entity_id
_entity_poly.type
_entity_poly.pdbx_seq_one_letter_code
_entity_poly.pdbx_strand_id
1 'polypeptide(L)'
;SGFRKMAFPSGKVEGCMVQVTCGTTTLNGLWLDDVVYCPRHVICTSEDMLNPNYEDLLIRKSNHNFLVQAGNVQLRVIGH
SMQNCVLKLKVDTANPKTPKYKFVRIQPGQTFSVLACYNGSPSGVYQCAMRPNFTIKGSFLNGSAGSVGFNIDYDCVSFC
YMHHMELPTGVHAGTDLEGNFYGPFVDRQTAQAAGTDTTITVNVLAWLYAAVINGDRWFLNRFTTTLNDFNLVAMKYNYE
PLTQDHVDILGPLSAQTGIAVLDMCASLKELLQNGMNGRTILGSALLEDEFTPFDVVRQCSGVTFQ
;
A
2 'polypeptide(L)' NRATLQ B
#
# COMPACT_ATOMS: atom_id res chain seq x y z
N SER A 1 7.06 14.87 20.61
CA SER A 1 5.87 13.97 20.71
C SER A 1 4.89 14.27 19.59
N GLY A 2 3.72 13.65 19.66
CA GLY A 2 2.77 13.69 18.58
C GLY A 2 2.88 12.44 17.71
N PHE A 3 1.77 12.07 17.08
CA PHE A 3 1.74 10.88 16.23
C PHE A 3 0.89 11.15 15.00
N ARG A 4 1.48 10.96 13.83
CA ARG A 4 0.82 11.29 12.58
C ARG A 4 1.03 10.16 11.57
N LYS A 5 0.04 9.98 10.70
CA LYS A 5 0.25 9.12 9.54
C LYS A 5 1.40 9.73 8.74
N MET A 6 2.53 9.05 8.70
CA MET A 6 3.78 9.63 8.22
C MET A 6 4.34 8.80 7.07
N ALA A 7 4.62 9.46 5.96
CA ALA A 7 5.16 8.82 4.78
C ALA A 7 6.68 8.98 4.74
N PHE A 8 7.31 8.11 3.99
CA PHE A 8 8.74 8.23 3.76
C PHE A 8 9.00 9.38 2.79
N PRO A 9 10.15 10.05 2.93
CA PRO A 9 10.51 11.07 1.94
C PRO A 9 10.54 10.46 0.55
N SER A 10 10.00 11.20 -0.42
CA SER A 10 9.68 10.64 -1.73
C SER A 10 10.70 11.00 -2.81
N GLY A 11 11.72 11.80 -2.49
CA GLY A 11 12.64 12.26 -3.52
C GLY A 11 13.23 11.14 -4.35
N LYS A 12 13.74 10.10 -3.70
CA LYS A 12 14.37 9.01 -4.43
C LYS A 12 13.43 8.38 -5.45
N VAL A 13 12.13 8.35 -5.15
CA VAL A 13 11.17 7.77 -6.09
C VAL A 13 10.72 8.78 -7.13
N GLU A 14 10.65 10.07 -6.78
CA GLU A 14 10.24 11.10 -7.73
C GLU A 14 11.09 11.06 -8.99
N GLY A 15 12.40 10.91 -8.83
CA GLY A 15 13.31 10.88 -9.96
C GLY A 15 13.18 9.66 -10.84
N CYS A 16 12.33 8.69 -10.45
CA CYS A 16 12.10 7.49 -11.24
C CYS A 16 10.83 7.54 -12.06
N MET A 17 9.98 8.55 -11.87
CA MET A 17 8.65 8.53 -12.46
C MET A 17 8.66 9.17 -13.84
N VAL A 18 7.97 8.52 -14.77
CA VAL A 18 7.89 8.95 -16.16
C VAL A 18 6.46 8.74 -16.63
N GLN A 19 6.15 9.33 -17.79
CA GLN A 19 4.84 9.19 -18.41
C GLN A 19 4.95 8.22 -19.57
N VAL A 20 4.01 7.27 -19.64
CA VAL A 20 3.96 6.30 -20.73
C VAL A 20 2.64 6.51 -21.47
N THR A 21 2.74 6.73 -22.78
CA THR A 21 1.57 6.94 -23.62
C THR A 21 1.58 5.93 -24.75
N CYS A 22 0.44 5.27 -24.95
CA CYS A 22 0.23 4.37 -26.06
C CYS A 22 -1.12 4.73 -26.66
N GLY A 23 -1.12 5.24 -27.88
CA GLY A 23 -2.36 5.69 -28.51
C GLY A 23 -2.93 6.86 -27.73
N THR A 24 -4.17 6.69 -27.27
CA THR A 24 -4.86 7.71 -26.49
C THR A 24 -4.81 7.44 -24.99
N THR A 25 -4.12 6.40 -24.55
CA THR A 25 -4.07 5.99 -23.15
C THR A 25 -2.74 6.39 -22.55
N THR A 26 -2.78 7.14 -21.45
CA THR A 26 -1.58 7.58 -20.76
C THR A 26 -1.62 7.15 -19.30
N LEU A 27 -0.46 6.77 -18.77
CA LEU A 27 -0.31 6.49 -17.36
C LEU A 27 1.16 6.70 -17.00
N ASN A 28 1.52 6.31 -15.77
CA ASN A 28 2.88 6.51 -15.26
C ASN A 28 3.68 5.22 -15.35
N GLY A 29 5.01 5.40 -15.46
CA GLY A 29 5.93 4.29 -15.41
C GLY A 29 7.02 4.53 -14.41
N LEU A 30 7.70 3.45 -14.04
CA LEU A 30 8.81 3.47 -13.10
C LEU A 30 10.10 3.19 -13.87
N TRP A 31 11.00 4.19 -13.90
CA TRP A 31 12.22 4.15 -14.69
C TRP A 31 13.39 3.79 -13.77
N LEU A 32 13.85 2.55 -13.88
CA LEU A 32 15.00 2.06 -13.13
C LEU A 32 16.02 1.49 -14.11
N ASP A 33 17.27 1.94 -14.00
CA ASP A 33 18.33 1.58 -14.96
C ASP A 33 17.76 1.85 -16.35
N ASP A 34 17.86 0.92 -17.32
CA ASP A 34 17.39 1.15 -18.68
C ASP A 34 16.05 0.49 -18.95
N VAL A 35 15.16 0.42 -17.95
CA VAL A 35 13.86 -0.22 -18.10
C VAL A 35 12.79 0.65 -17.47
N VAL A 36 11.64 0.72 -18.13
CA VAL A 36 10.46 1.40 -17.61
C VAL A 36 9.39 0.35 -17.33
N TYR A 37 8.89 0.34 -16.11
CA TYR A 37 7.82 -0.57 -15.70
C TYR A 37 6.51 0.20 -15.68
N CYS A 38 5.46 -0.36 -16.27
CA CYS A 38 4.16 0.28 -16.25
C CYS A 38 3.08 -0.78 -16.33
N PRO A 39 1.86 -0.45 -15.90
CA PRO A 39 0.75 -1.41 -16.05
C PRO A 39 0.47 -1.69 -17.51
N ARG A 40 0.08 -2.94 -17.79
CA ARG A 40 -0.02 -3.39 -19.16
C ARG A 40 -1.24 -2.83 -19.88
N HIS A 41 -2.24 -2.34 -19.16
CA HIS A 41 -3.43 -1.83 -19.82
C HIS A 41 -3.22 -0.48 -20.49
N VAL A 42 -2.01 0.07 -20.42
CA VAL A 42 -1.69 1.23 -21.26
C VAL A 42 -1.93 0.91 -22.72
N ILE A 43 -1.66 -0.34 -23.14
CA ILE A 43 -1.88 -0.73 -24.53
C ILE A 43 -3.35 -0.96 -24.85
N CYS A 44 -4.24 -0.81 -23.89
CA CYS A 44 -5.65 -1.05 -24.12
C CYS A 44 -6.31 0.15 -24.78
N THR A 45 -7.35 -0.13 -25.54
CA THR A 45 -8.26 0.89 -26.03
C THR A 45 -9.46 0.98 -25.10
N SER A 46 -10.20 2.09 -25.20
CA SER A 46 -11.38 2.25 -24.36
C SER A 46 -12.35 1.09 -24.55
N GLU A 47 -12.47 0.58 -25.76
CA GLU A 47 -13.39 -0.52 -26.03
C GLU A 47 -12.82 -1.87 -25.60
N ASP A 48 -11.50 -2.04 -25.67
CA ASP A 48 -10.86 -3.31 -25.36
C ASP A 48 -10.47 -3.37 -23.88
N MET A 49 -11.47 -3.21 -23.01
CA MET A 49 -11.24 -3.21 -21.57
C MET A 49 -12.21 -4.09 -20.80
N LEU A 50 -13.16 -4.75 -21.46
CA LEU A 50 -14.05 -5.68 -20.74
C LEU A 50 -13.38 -7.03 -20.53
N ASN A 51 -12.77 -7.57 -21.57
CA ASN A 51 -11.94 -8.78 -21.45
C ASN A 51 -10.84 -8.70 -22.48
N PRO A 52 -9.81 -7.90 -22.22
CA PRO A 52 -8.71 -7.77 -23.18
C PRO A 52 -7.91 -9.06 -23.25
N ASN A 53 -7.40 -9.35 -24.45
CA ASN A 53 -6.39 -10.38 -24.61
C ASN A 53 -5.06 -9.64 -24.75
N TYR A 54 -4.40 -9.43 -23.62
CA TYR A 54 -3.19 -8.62 -23.62
C TYR A 54 -2.11 -9.22 -24.49
N GLU A 55 -2.06 -10.54 -24.60
CA GLU A 55 -1.04 -11.19 -25.42
C GLU A 55 -1.23 -10.84 -26.89
N ASP A 56 -2.49 -10.78 -27.33
CA ASP A 56 -2.78 -10.34 -28.69
C ASP A 56 -2.51 -8.84 -28.86
N LEU A 57 -3.01 -8.03 -27.93
CA LEU A 57 -2.84 -6.59 -28.04
C LEU A 57 -1.36 -6.21 -28.12
N LEU A 58 -0.50 -6.96 -27.42
CA LEU A 58 0.92 -6.62 -27.39
C LEU A 58 1.65 -7.06 -28.64
N ILE A 59 1.25 -8.18 -29.26
CA ILE A 59 1.89 -8.59 -30.50
C ILE A 59 1.57 -7.63 -31.63
N ARG A 60 0.48 -6.89 -31.53
CA ARG A 60 0.10 -5.89 -32.53
C ARG A 60 0.75 -4.54 -32.29
N LYS A 61 1.63 -4.42 -31.30
CA LYS A 61 2.35 -3.20 -31.02
C LYS A 61 3.82 -3.37 -31.35
N SER A 62 4.51 -2.25 -31.48
CA SER A 62 5.96 -2.24 -31.67
C SER A 62 6.57 -1.13 -30.82
N ASN A 63 7.91 -1.11 -30.77
CA ASN A 63 8.60 -0.18 -29.89
C ASN A 63 8.17 1.26 -30.11
N HIS A 64 7.82 1.63 -31.34
CA HIS A 64 7.50 3.02 -31.63
C HIS A 64 6.07 3.40 -31.25
N ASN A 65 5.24 2.43 -30.84
CA ASN A 65 3.91 2.76 -30.34
C ASN A 65 3.94 3.29 -28.92
N PHE A 66 5.05 3.11 -28.20
CA PHE A 66 5.15 3.52 -26.81
C PHE A 66 5.92 4.84 -26.74
N LEU A 67 5.28 5.86 -26.20
CA LEU A 67 5.88 7.18 -26.04
C LEU A 67 6.19 7.37 -24.56
N VAL A 68 7.48 7.42 -24.24
CA VAL A 68 7.97 7.54 -22.87
C VAL A 68 8.65 8.90 -22.72
N GLN A 69 8.21 9.67 -21.73
CA GLN A 69 8.71 11.04 -21.53
C GLN A 69 9.11 11.21 -20.07
N ALA A 70 10.41 11.40 -19.85
CA ALA A 70 10.93 11.74 -18.52
C ALA A 70 10.97 13.26 -18.44
N GLY A 71 9.98 13.85 -17.78
CA GLY A 71 9.81 15.29 -17.82
C GLY A 71 9.35 15.70 -19.21
N ASN A 72 10.19 16.43 -19.94
CA ASN A 72 9.96 16.75 -21.33
C ASN A 72 10.93 16.05 -22.27
N VAL A 73 11.88 15.29 -21.73
CA VAL A 73 12.81 14.52 -22.54
C VAL A 73 12.14 13.22 -22.94
N GLN A 74 12.11 12.95 -24.25
CA GLN A 74 11.52 11.71 -24.75
C GLN A 74 12.55 10.60 -24.69
N LEU A 75 12.18 9.47 -24.07
CA LEU A 75 13.03 8.30 -23.99
C LEU A 75 12.62 7.31 -25.08
N ARG A 76 13.61 6.79 -25.79
CA ARG A 76 13.37 5.95 -26.97
C ARG A 76 13.28 4.49 -26.55
N VAL A 77 12.13 3.87 -26.83
CA VAL A 77 11.93 2.47 -26.50
C VAL A 77 12.68 1.61 -27.51
N ILE A 78 13.57 0.75 -27.01
CA ILE A 78 14.36 -0.15 -27.85
C ILE A 78 13.99 -1.60 -27.60
N GLY A 79 12.96 -1.85 -26.80
CA GLY A 79 12.53 -3.19 -26.51
C GLY A 79 11.26 -3.16 -25.68
N HIS A 80 10.46 -4.23 -25.76
CA HIS A 80 9.25 -4.31 -24.98
C HIS A 80 8.92 -5.77 -24.73
N SER A 81 8.26 -6.03 -23.60
CA SER A 81 7.89 -7.38 -23.21
C SER A 81 6.86 -7.28 -22.09
N MET A 82 6.16 -8.38 -21.87
CA MET A 82 5.17 -8.45 -20.81
C MET A 82 5.67 -9.39 -19.72
N GLN A 83 5.56 -8.94 -18.47
CA GLN A 83 5.84 -9.76 -17.29
C GLN A 83 4.57 -9.75 -16.45
N ASN A 84 3.77 -10.82 -16.56
CA ASN A 84 2.49 -10.88 -15.86
C ASN A 84 1.66 -9.66 -16.22
N CYS A 85 1.31 -8.81 -15.26
CA CYS A 85 0.42 -7.70 -15.54
C CYS A 85 1.13 -6.36 -15.72
N VAL A 86 2.45 -6.36 -15.88
CA VAL A 86 3.18 -5.12 -16.14
C VAL A 86 4.04 -5.30 -17.38
N LEU A 87 4.42 -4.17 -17.97
CA LEU A 87 5.29 -4.14 -19.15
C LEU A 87 6.68 -3.67 -18.76
N LYS A 88 7.68 -4.21 -19.45
CA LYS A 88 9.07 -3.82 -19.28
C LYS A 88 9.52 -3.23 -20.61
N LEU A 89 9.61 -1.90 -20.66
CA LEU A 89 9.98 -1.16 -21.85
C LEU A 89 11.46 -0.83 -21.76
N LYS A 90 12.29 -1.56 -22.51
CA LYS A 90 13.70 -1.24 -22.60
C LYS A 90 13.85 0.12 -23.27
N VAL A 91 14.68 0.98 -22.69
CA VAL A 91 15.01 2.27 -23.27
C VAL A 91 16.53 2.36 -23.39
N ASP A 92 16.99 3.30 -24.20
CA ASP A 92 18.41 3.41 -24.49
C ASP A 92 19.15 4.30 -23.50
N THR A 93 18.46 4.88 -22.52
CA THR A 93 19.08 5.73 -21.51
C THR A 93 18.83 5.12 -20.14
N ALA A 94 19.92 4.80 -19.42
CA ALA A 94 19.79 4.39 -18.03
C ALA A 94 19.48 5.61 -17.17
N ASN A 95 18.52 5.45 -16.26
CA ASN A 95 18.13 6.54 -15.38
C ASN A 95 19.29 6.89 -14.46
N PRO A 96 19.87 8.09 -14.58
CA PRO A 96 20.98 8.44 -13.68
C PRO A 96 20.55 8.54 -12.23
N LYS A 97 19.28 8.81 -11.96
CA LYS A 97 18.76 8.93 -10.60
C LYS A 97 18.33 7.59 -10.02
N THR A 98 18.67 6.48 -10.65
CA THR A 98 18.26 5.18 -10.15
C THR A 98 18.81 4.97 -8.75
N PRO A 99 17.95 4.75 -7.75
CA PRO A 99 18.44 4.47 -6.39
C PRO A 99 18.71 2.98 -6.21
N LYS A 100 19.40 2.66 -5.13
CA LYS A 100 19.45 1.28 -4.65
C LYS A 100 18.01 0.84 -4.39
N TYR A 101 17.59 -0.26 -5.02
CA TYR A 101 16.20 -0.66 -4.88
C TYR A 101 16.07 -2.16 -4.78
N LYS A 102 14.91 -2.57 -4.28
CA LYS A 102 14.51 -3.97 -4.18
C LYS A 102 13.07 -4.07 -4.64
N PHE A 103 12.72 -5.23 -5.19
CA PHE A 103 11.35 -5.58 -5.52
C PHE A 103 10.91 -6.61 -4.48
N VAL A 104 10.03 -6.20 -3.57
CA VAL A 104 9.55 -7.07 -2.50
C VAL A 104 8.04 -7.11 -2.58
N ARG A 105 7.48 -8.25 -2.18
CA ARG A 105 6.03 -8.41 -2.04
C ARG A 105 5.72 -8.39 -0.55
N ILE A 106 4.78 -7.54 -0.16
CA ILE A 106 4.47 -7.35 1.24
C ILE A 106 3.26 -8.20 1.61
N GLN A 107 2.98 -8.25 2.90
CA GLN A 107 1.93 -9.03 3.49
C GLN A 107 0.77 -8.14 3.92
N PRO A 108 -0.45 -8.66 3.90
CA PRO A 108 -1.55 -7.92 4.54
C PRO A 108 -1.17 -7.55 5.96
N GLY A 109 -1.48 -6.31 6.33
CA GLY A 109 -1.13 -5.77 7.63
C GLY A 109 0.07 -4.83 7.60
N GLN A 110 0.90 -4.91 6.57
CA GLN A 110 2.05 -4.04 6.43
C GLN A 110 1.68 -2.76 5.69
N THR A 111 2.46 -1.71 5.92
CA THR A 111 2.20 -0.39 5.36
C THR A 111 3.27 0.00 4.36
N PHE A 112 2.99 1.04 3.61
CA PHE A 112 3.93 1.58 2.64
C PHE A 112 3.49 3.00 2.29
N SER A 113 4.41 3.76 1.74
CA SER A 113 4.12 5.10 1.24
C SER A 113 3.77 5.01 -0.24
N VAL A 114 2.80 5.83 -0.66
CA VAL A 114 2.35 5.90 -2.04
C VAL A 114 2.71 7.28 -2.58
N LEU A 115 3.39 7.32 -3.73
CA LEU A 115 3.64 8.55 -4.46
C LEU A 115 2.65 8.59 -5.61
N ALA A 116 1.54 9.29 -5.40
CA ALA A 116 0.53 9.42 -6.44
C ALA A 116 1.04 10.33 -7.54
N CYS A 117 0.91 9.88 -8.78
CA CYS A 117 1.44 10.58 -9.94
C CYS A 117 0.40 10.68 -11.04
N TYR A 118 0.57 11.69 -11.89
CA TYR A 118 -0.25 11.87 -13.07
C TYR A 118 0.61 12.42 -14.19
N ASN A 119 0.51 11.81 -15.37
CA ASN A 119 1.30 12.23 -16.52
C ASN A 119 2.78 12.29 -16.17
N GLY A 120 3.24 11.31 -15.39
CA GLY A 120 4.62 11.22 -15.00
C GLY A 120 5.08 12.23 -13.99
N SER A 121 4.17 12.99 -13.38
CA SER A 121 4.53 14.05 -12.46
C SER A 121 3.98 13.79 -11.06
N PRO A 122 4.82 13.73 -10.03
CA PRO A 122 4.30 13.47 -8.68
C PRO A 122 3.34 14.56 -8.23
N SER A 123 2.25 14.13 -7.58
CA SER A 123 1.26 15.06 -7.03
C SER A 123 1.15 15.03 -5.52
N GLY A 124 1.42 13.88 -4.87
CA GLY A 124 1.31 13.82 -3.43
C GLY A 124 1.80 12.51 -2.88
N VAL A 125 2.07 12.52 -1.56
CA VAL A 125 2.56 11.37 -0.84
C VAL A 125 1.63 11.10 0.34
N TYR A 126 1.32 9.82 0.56
CA TYR A 126 0.52 9.42 1.70
C TYR A 126 0.85 7.98 2.06
N GLN A 127 0.38 7.56 3.23
CA GLN A 127 0.69 6.27 3.81
C GLN A 127 -0.51 5.35 3.69
N CYS A 128 -0.25 4.10 3.29
CA CYS A 128 -1.30 3.11 3.06
C CYS A 128 -0.97 1.82 3.80
N ALA A 129 -2.01 1.05 4.09
CA ALA A 129 -1.88 -0.31 4.58
C ALA A 129 -2.43 -1.27 3.52
N MET A 130 -1.81 -2.43 3.40
CA MET A 130 -2.37 -3.51 2.61
C MET A 130 -3.41 -4.23 3.48
N ARG A 131 -4.67 -4.18 3.07
CA ARG A 131 -5.73 -4.73 3.88
C ARG A 131 -5.69 -6.25 3.87
N PRO A 132 -6.28 -6.88 4.88
CA PRO A 132 -6.38 -8.36 4.84
C PRO A 132 -7.03 -8.89 3.57
N ASN A 133 -7.87 -8.11 2.89
CA ASN A 133 -8.48 -8.58 1.66
C ASN A 133 -7.71 -8.14 0.42
N PHE A 134 -6.45 -7.72 0.60
CA PHE A 134 -5.53 -7.40 -0.49
C PHE A 134 -5.93 -6.17 -1.29
N THR A 135 -6.85 -5.36 -0.77
CA THR A 135 -7.10 -4.03 -1.33
C THR A 135 -6.33 -3.01 -0.50
N ILE A 136 -6.25 -1.78 -1.01
CA ILE A 136 -5.70 -0.67 -0.26
C ILE A 136 -6.70 0.48 -0.36
N LYS A 137 -6.80 1.26 0.71
CA LYS A 137 -7.69 2.41 0.77
C LYS A 137 -6.84 3.65 0.48
N GLY A 138 -6.68 3.95 -0.80
CA GLY A 138 -5.83 5.02 -1.24
C GLY A 138 -6.62 6.22 -1.75
N SER A 139 -5.95 7.02 -2.57
CA SER A 139 -6.57 8.18 -3.20
C SER A 139 -6.01 8.24 -4.61
N PHE A 140 -6.81 7.80 -5.58
CA PHE A 140 -6.35 7.59 -6.95
C PHE A 140 -7.45 8.00 -7.91
N LEU A 141 -7.09 8.72 -8.96
CA LEU A 141 -8.01 9.10 -10.02
C LEU A 141 -7.52 8.50 -11.34
N ASN A 142 -8.30 8.73 -12.41
CA ASN A 142 -7.89 8.30 -13.72
C ASN A 142 -6.52 8.88 -14.06
N GLY A 143 -5.66 8.05 -14.62
CA GLY A 143 -4.30 8.44 -14.92
C GLY A 143 -3.30 8.16 -13.81
N SER A 144 -3.75 7.66 -12.66
CA SER A 144 -2.83 7.39 -11.57
C SER A 144 -2.15 6.03 -11.68
N ALA A 145 -2.65 5.14 -12.54
CA ALA A 145 -2.01 3.84 -12.71
C ALA A 145 -0.53 4.03 -13.02
N GLY A 146 0.30 3.11 -12.53
CA GLY A 146 1.72 3.25 -12.59
C GLY A 146 2.35 3.87 -11.35
N SER A 147 1.59 4.60 -10.55
CA SER A 147 2.10 5.08 -9.27
C SER A 147 2.54 3.88 -8.44
N VAL A 148 3.57 4.09 -7.60
CA VAL A 148 4.14 2.98 -6.85
C VAL A 148 4.04 3.24 -5.35
N GLY A 149 3.96 2.14 -4.61
CA GLY A 149 4.08 2.15 -3.16
C GLY A 149 5.44 1.61 -2.79
N PHE A 150 5.97 2.08 -1.67
CA PHE A 150 7.35 1.77 -1.32
C PHE A 150 7.60 2.01 0.15
N ASN A 151 8.65 1.37 0.65
CA ASN A 151 9.27 1.64 1.93
C ASN A 151 10.73 1.98 1.68
N ILE A 152 11.37 2.62 2.65
CA ILE A 152 12.78 2.96 2.54
C ILE A 152 13.48 2.55 3.83
N ASP A 153 14.52 1.72 3.70
CA ASP A 153 15.35 1.29 4.82
C ASP A 153 16.80 1.55 4.44
N TYR A 154 17.51 2.28 5.30
CA TYR A 154 18.88 2.73 5.01
C TYR A 154 18.80 3.55 3.74
N ASP A 155 19.51 3.22 2.67
CA ASP A 155 19.44 3.96 1.42
C ASP A 155 18.62 3.24 0.35
N CYS A 156 17.99 2.12 0.69
CA CYS A 156 17.36 1.24 -0.29
C CYS A 156 15.85 1.48 -0.33
N VAL A 157 15.32 1.71 -1.53
CA VAL A 157 13.89 1.79 -1.77
C VAL A 157 13.39 0.39 -2.06
N SER A 158 12.47 -0.12 -1.24
CA SER A 158 11.85 -1.43 -1.44
C SER A 158 10.48 -1.20 -2.07
N PHE A 159 10.42 -1.29 -3.40
CA PHE A 159 9.15 -1.13 -4.11
C PHE A 159 8.26 -2.34 -3.84
N CYS A 160 7.02 -2.09 -3.38
CA CYS A 160 6.11 -3.19 -3.08
C CYS A 160 4.78 -3.12 -3.81
N TYR A 161 4.48 -2.05 -4.54
CA TYR A 161 3.15 -1.88 -5.09
C TYR A 161 3.20 -1.00 -6.33
N MET A 162 2.47 -1.41 -7.36
CA MET A 162 2.18 -0.55 -8.50
C MET A 162 0.66 -0.50 -8.65
N HIS A 163 0.12 0.70 -8.81
CA HIS A 163 -1.32 0.88 -8.89
C HIS A 163 -1.84 0.54 -10.27
N HIS A 164 -2.99 -0.12 -10.32
CA HIS A 164 -3.61 -0.49 -11.58
C HIS A 164 -5.05 0.01 -11.70
N MET A 165 -5.86 -0.15 -10.67
CA MET A 165 -7.30 0.00 -10.86
C MET A 165 -8.00 0.32 -9.55
N GLU A 166 -9.27 0.70 -9.69
CA GLU A 166 -10.17 0.99 -8.58
C GLU A 166 -11.37 0.05 -8.64
N LEU A 167 -11.68 -0.60 -7.53
CA LEU A 167 -12.84 -1.48 -7.48
C LEU A 167 -14.10 -0.67 -7.22
N PRO A 168 -15.28 -1.22 -7.53
CA PRO A 168 -16.51 -0.43 -7.41
C PRO A 168 -16.75 0.13 -6.02
N THR A 169 -16.23 -0.49 -4.96
CA THR A 169 -16.44 0.04 -3.62
C THR A 169 -15.58 1.26 -3.32
N GLY A 170 -14.68 1.65 -4.22
CA GLY A 170 -13.80 2.77 -4.02
C GLY A 170 -12.41 2.42 -3.52
N VAL A 171 -12.18 1.16 -3.17
CA VAL A 171 -10.86 0.70 -2.75
C VAL A 171 -10.04 0.40 -4.00
N HIS A 172 -8.74 0.16 -3.84
CA HIS A 172 -7.83 0.08 -4.96
C HIS A 172 -7.06 -1.23 -4.95
N ALA A 173 -6.73 -1.70 -6.14
CA ALA A 173 -6.03 -2.96 -6.32
C ALA A 173 -4.84 -2.72 -7.24
N GLY A 174 -3.81 -3.53 -7.06
CA GLY A 174 -2.62 -3.36 -7.84
C GLY A 174 -1.76 -4.60 -7.76
N THR A 175 -0.55 -4.48 -8.30
CA THR A 175 0.38 -5.59 -8.37
C THR A 175 1.62 -5.28 -7.54
N ASP A 176 2.41 -6.32 -7.28
CA ASP A 176 3.80 -6.13 -6.89
C ASP A 176 4.59 -5.71 -8.12
N LEU A 177 5.88 -5.47 -7.97
CA LEU A 177 6.64 -4.94 -9.10
C LEU A 177 7.05 -6.04 -10.09
N GLU A 178 6.74 -7.30 -9.81
CA GLU A 178 6.88 -8.36 -10.80
C GLU A 178 5.60 -8.57 -11.60
N GLY A 179 4.56 -7.78 -11.32
CA GLY A 179 3.35 -7.79 -12.10
C GLY A 179 2.26 -8.71 -11.60
N ASN A 180 2.43 -9.31 -10.44
CA ASN A 180 1.44 -10.23 -9.90
C ASN A 180 0.50 -9.48 -8.96
N PHE A 181 -0.79 -9.53 -9.27
CA PHE A 181 -1.76 -8.77 -8.49
C PHE A 181 -1.71 -9.18 -7.03
N TYR A 182 -1.96 -8.21 -6.16
CA TYR A 182 -2.33 -8.49 -4.78
C TYR A 182 -3.81 -8.85 -4.76
N GLY A 183 -4.12 -10.07 -4.34
CA GLY A 183 -5.49 -10.48 -4.19
C GLY A 183 -6.09 -11.04 -5.46
N PRO A 184 -7.35 -11.47 -5.40
CA PRO A 184 -7.97 -12.16 -6.52
C PRO A 184 -8.60 -11.24 -7.56
N PHE A 185 -7.85 -10.23 -7.97
CA PHE A 185 -8.33 -9.24 -8.92
C PHE A 185 -7.59 -9.37 -10.25
N VAL A 186 -8.22 -8.88 -11.30
CA VAL A 186 -7.68 -8.94 -12.64
C VAL A 186 -7.87 -7.58 -13.31
N ASP A 187 -6.97 -7.24 -14.22
CA ASP A 187 -6.99 -5.90 -14.81
C ASP A 187 -7.95 -5.89 -16.00
N ARG A 188 -9.22 -6.05 -15.65
CA ARG A 188 -10.35 -5.98 -16.56
C ARG A 188 -11.44 -5.15 -15.91
N GLN A 189 -12.17 -4.37 -16.70
CA GLN A 189 -13.27 -3.57 -16.18
C GLN A 189 -14.53 -4.44 -16.08
N THR A 190 -14.44 -5.41 -15.18
CA THR A 190 -15.53 -6.33 -14.85
C THR A 190 -16.04 -6.04 -13.45
N ALA A 191 -17.14 -6.70 -13.11
CA ALA A 191 -17.69 -6.64 -11.76
C ALA A 191 -16.82 -7.52 -10.86
N GLN A 192 -16.05 -6.90 -9.98
CA GLN A 192 -15.20 -7.61 -9.03
C GLN A 192 -15.46 -7.08 -7.64
N ALA A 193 -15.34 -7.95 -6.65
CA ALA A 193 -15.56 -7.59 -5.27
C ALA A 193 -14.47 -8.20 -4.40
N ALA A 194 -13.94 -7.40 -3.49
CA ALA A 194 -12.99 -7.91 -2.51
C ALA A 194 -13.73 -8.70 -1.44
N GLY A 195 -13.07 -9.73 -0.93
CA GLY A 195 -13.62 -10.45 0.21
C GLY A 195 -13.81 -9.53 1.40
N THR A 196 -14.60 -10.01 2.37
CA THR A 196 -14.86 -9.23 3.56
C THR A 196 -13.56 -8.91 4.28
N ASP A 197 -13.39 -7.64 4.67
CA ASP A 197 -12.17 -7.22 5.34
C ASP A 197 -12.25 -7.52 6.84
N THR A 198 -11.09 -7.49 7.48
CA THR A 198 -10.97 -7.58 8.92
C THR A 198 -10.03 -6.49 9.41
N THR A 199 -10.08 -6.22 10.71
CA THR A 199 -9.24 -5.21 11.33
C THR A 199 -7.93 -5.84 11.82
N ILE A 200 -6.81 -5.15 11.56
CA ILE A 200 -5.50 -5.70 11.87
C ILE A 200 -5.24 -5.46 13.36
N THR A 201 -5.36 -6.54 14.15
CA THR A 201 -5.33 -6.40 15.60
C THR A 201 -3.97 -5.94 16.09
N VAL A 202 -2.89 -6.59 15.63
CA VAL A 202 -1.56 -6.24 16.13
C VAL A 202 -1.27 -4.76 15.89
N ASN A 203 -1.81 -4.20 14.80
CA ASN A 203 -1.60 -2.78 14.52
C ASN A 203 -2.38 -1.91 15.49
N VAL A 204 -3.60 -2.34 15.84
CA VAL A 204 -4.40 -1.57 16.80
C VAL A 204 -3.69 -1.48 18.13
N LEU A 205 -3.18 -2.61 18.62
CA LEU A 205 -2.43 -2.62 19.87
C LEU A 205 -1.22 -1.70 19.77
N ALA A 206 -0.46 -1.82 18.67
CA ALA A 206 0.69 -0.96 18.48
C ALA A 206 0.30 0.51 18.57
N TRP A 207 -0.82 0.87 17.94
CA TRP A 207 -1.31 2.24 18.00
C TRP A 207 -1.70 2.63 19.42
N LEU A 208 -2.26 1.69 20.18
CA LEU A 208 -2.56 1.99 21.58
C LEU A 208 -1.29 2.25 22.37
N TYR A 209 -0.21 1.52 22.07
CA TYR A 209 1.07 1.80 22.71
C TYR A 209 1.59 3.17 22.34
N ALA A 210 1.50 3.53 21.06
CA ALA A 210 1.86 4.88 20.64
C ALA A 210 1.08 5.91 21.45
N ALA A 211 -0.19 5.61 21.73
CA ALA A 211 -1.00 6.53 22.52
C ALA A 211 -0.45 6.67 23.93
N VAL A 212 -0.11 5.56 24.57
CA VAL A 212 0.47 5.62 25.92
C VAL A 212 1.76 6.42 25.89
N ILE A 213 2.62 6.17 24.91
CA ILE A 213 3.87 6.92 24.82
C ILE A 213 3.59 8.41 24.72
N ASN A 214 2.45 8.80 24.15
CA ASN A 214 2.13 10.21 23.94
C ASN A 214 1.20 10.78 25.00
N GLY A 215 0.97 10.07 26.10
CA GLY A 215 0.26 10.61 27.24
C GLY A 215 -1.21 10.23 27.33
N ASP A 216 -1.76 9.56 26.32
CA ASP A 216 -3.14 9.09 26.41
C ASP A 216 -3.17 7.79 27.21
N ARG A 217 -3.84 7.82 28.37
CA ARG A 217 -3.84 6.69 29.28
C ARG A 217 -5.22 6.32 29.80
N TRP A 218 -6.28 7.04 29.40
CA TRP A 218 -7.58 6.82 30.00
C TRP A 218 -8.13 5.43 29.74
N PHE A 219 -7.66 4.74 28.70
CA PHE A 219 -8.19 3.44 28.33
C PHE A 219 -7.49 2.28 29.04
N LEU A 220 -6.47 2.57 29.86
CA LEU A 220 -5.79 1.53 30.61
C LEU A 220 -6.66 1.08 31.78
N ASN A 221 -6.44 -0.16 32.21
CA ASN A 221 -7.10 -0.70 33.38
C ASN A 221 -6.11 -1.62 34.09
N ARG A 222 -6.51 -2.07 35.28
CA ARG A 222 -5.69 -2.97 36.09
C ARG A 222 -5.84 -4.43 35.67
N PHE A 223 -6.71 -4.73 34.72
CA PHE A 223 -7.05 -6.11 34.40
C PHE A 223 -6.07 -6.69 33.37
N THR A 224 -6.13 -8.00 33.24
CA THR A 224 -5.37 -8.75 32.25
C THR A 224 -6.28 -9.82 31.66
N THR A 225 -5.81 -10.46 30.60
CA THR A 225 -6.56 -11.51 29.94
C THR A 225 -5.58 -12.53 29.39
N THR A 226 -6.11 -13.67 28.98
CA THR A 226 -5.32 -14.69 28.30
C THR A 226 -5.43 -14.49 26.79
N LEU A 227 -4.42 -15.00 26.07
CA LEU A 227 -4.46 -14.90 24.61
C LEU A 227 -5.71 -15.60 24.07
N ASN A 228 -6.18 -16.64 24.75
CA ASN A 228 -7.34 -17.39 24.28
C ASN A 228 -8.62 -16.60 24.49
N ASP A 229 -8.83 -16.06 25.70
CA ASP A 229 -10.04 -15.29 25.95
C ASP A 229 -10.07 -14.02 25.11
N PHE A 230 -8.90 -13.41 24.87
CA PHE A 230 -8.87 -12.23 24.01
C PHE A 230 -9.30 -12.59 22.59
N ASN A 231 -8.74 -13.67 22.05
CA ASN A 231 -9.03 -14.04 20.67
C ASN A 231 -10.50 -14.38 20.46
N LEU A 232 -11.18 -14.83 21.52
CA LEU A 232 -12.63 -15.05 21.41
C LEU A 232 -13.35 -13.73 21.16
N VAL A 233 -12.95 -12.67 21.86
CA VAL A 233 -13.58 -11.38 21.67
C VAL A 233 -13.19 -10.80 20.31
N ALA A 234 -11.96 -11.05 19.87
CA ALA A 234 -11.53 -10.57 18.56
C ALA A 234 -12.42 -11.15 17.46
N MET A 235 -12.56 -12.48 17.43
CA MET A 235 -13.42 -13.12 16.44
C MET A 235 -14.77 -12.44 16.33
N LYS A 236 -15.29 -11.93 17.46
CA LYS A 236 -16.66 -11.42 17.49
C LYS A 236 -16.76 -10.06 16.81
N TYR A 237 -15.79 -9.18 17.05
CA TYR A 237 -15.77 -7.85 16.47
C TYR A 237 -14.99 -7.79 15.17
N ASN A 238 -14.83 -8.93 14.48
CA ASN A 238 -14.20 -8.99 13.17
C ASN A 238 -12.75 -8.50 13.21
N TYR A 239 -12.03 -8.98 14.22
CA TYR A 239 -10.62 -8.69 14.39
C TYR A 239 -9.82 -9.96 14.07
N GLU A 240 -8.63 -9.77 13.50
CA GLU A 240 -7.78 -10.90 13.18
C GLU A 240 -7.29 -11.58 14.46
N PRO A 241 -7.11 -12.90 14.44
CA PRO A 241 -6.56 -13.57 15.62
C PRO A 241 -5.18 -13.02 15.98
N LEU A 242 -4.90 -12.95 17.28
CA LEU A 242 -3.60 -12.53 17.78
C LEU A 242 -2.77 -13.76 18.11
N THR A 243 -1.55 -13.80 17.58
CA THR A 243 -0.65 -14.93 17.75
C THR A 243 0.44 -14.58 18.75
N GLN A 244 1.12 -15.62 19.24
CA GLN A 244 2.26 -15.41 20.12
C GLN A 244 3.32 -14.57 19.44
N ASP A 245 3.44 -14.68 18.11
CA ASP A 245 4.43 -13.89 17.40
C ASP A 245 4.06 -12.41 17.39
N HIS A 246 2.77 -12.08 17.38
CA HIS A 246 2.37 -10.69 17.51
C HIS A 246 2.75 -10.15 18.89
N VAL A 247 2.62 -10.99 19.93
CA VAL A 247 2.99 -10.55 21.27
C VAL A 247 4.49 -10.28 21.35
N ASP A 248 5.30 -11.09 20.65
CA ASP A 248 6.73 -10.87 20.66
C ASP A 248 7.09 -9.58 19.92
N ILE A 249 6.49 -9.36 18.75
CA ILE A 249 6.76 -8.15 18.00
C ILE A 249 6.45 -6.92 18.83
N LEU A 250 5.41 -7.00 19.67
CA LEU A 250 5.01 -5.90 20.53
C LEU A 250 5.87 -5.81 21.79
N GLY A 251 6.86 -6.68 21.95
CA GLY A 251 7.68 -6.68 23.13
C GLY A 251 8.31 -5.34 23.41
N PRO A 252 9.12 -4.84 22.46
CA PRO A 252 9.78 -3.54 22.69
C PRO A 252 8.83 -2.45 23.16
N LEU A 253 7.69 -2.29 22.50
CA LEU A 253 6.70 -1.32 22.95
C LEU A 253 6.19 -1.67 24.35
N SER A 254 5.91 -2.95 24.59
CA SER A 254 5.49 -3.37 25.92
C SER A 254 6.55 -3.03 26.95
N ALA A 255 7.82 -3.11 26.58
CA ALA A 255 8.90 -2.83 27.52
C ALA A 255 9.05 -1.34 27.78
N GLN A 256 8.98 -0.52 26.73
CA GLN A 256 9.16 0.91 26.90
C GLN A 256 8.05 1.50 27.78
N THR A 257 6.81 1.02 27.61
CA THR A 257 5.70 1.56 28.37
C THR A 257 5.48 0.88 29.71
N GLY A 258 6.06 -0.30 29.92
CA GLY A 258 5.76 -1.07 31.11
C GLY A 258 4.37 -1.65 31.16
N ILE A 259 3.69 -1.74 30.02
CA ILE A 259 2.35 -2.30 29.92
C ILE A 259 2.47 -3.64 29.20
N ALA A 260 2.13 -4.72 29.90
CA ALA A 260 2.22 -6.06 29.31
C ALA A 260 1.22 -6.20 28.19
N VAL A 261 1.62 -6.91 27.12
CA VAL A 261 0.79 -7.01 25.94
C VAL A 261 -0.61 -7.49 26.30
N LEU A 262 -0.70 -8.54 27.13
CA LEU A 262 -2.01 -9.09 27.48
C LEU A 262 -2.78 -8.17 28.41
N ASP A 263 -2.10 -7.26 29.12
CA ASP A 263 -2.80 -6.21 29.84
C ASP A 263 -3.36 -5.18 28.87
N MET A 264 -2.59 -4.82 27.85
CA MET A 264 -3.11 -3.96 26.80
C MET A 264 -4.29 -4.62 26.08
N CYS A 265 -4.27 -5.94 25.93
CA CYS A 265 -5.39 -6.63 25.31
C CYS A 265 -6.67 -6.45 26.13
N ALA A 266 -6.55 -6.46 27.45
CA ALA A 266 -7.70 -6.19 28.31
C ALA A 266 -8.28 -4.80 28.05
N SER A 267 -7.42 -3.83 27.74
CA SER A 267 -7.92 -2.51 27.38
C SER A 267 -8.65 -2.54 26.04
N LEU A 268 -8.10 -3.24 25.05
CA LEU A 268 -8.75 -3.33 23.74
C LEU A 268 -10.09 -4.04 23.87
N LYS A 269 -10.11 -5.20 24.52
CA LYS A 269 -11.38 -5.88 24.80
C LYS A 269 -12.41 -4.90 25.34
N GLU A 270 -11.98 -4.04 26.28
CA GLU A 270 -12.91 -3.11 26.92
C GLU A 270 -13.38 -2.04 25.95
N LEU A 271 -12.48 -1.54 25.10
CA LEU A 271 -12.87 -0.54 24.10
C LEU A 271 -13.81 -1.14 23.06
N LEU A 272 -13.66 -2.43 22.76
CA LEU A 272 -14.53 -3.06 21.78
C LEU A 272 -15.93 -3.25 22.34
N GLN A 273 -16.03 -3.59 23.63
CA GLN A 273 -17.33 -3.93 24.22
C GLN A 273 -18.11 -2.70 24.64
N ASN A 274 -17.43 -1.64 25.09
CA ASN A 274 -18.10 -0.46 25.62
C ASN A 274 -17.93 0.79 24.76
N GLY A 275 -17.02 0.78 23.79
CA GLY A 275 -16.75 1.97 23.01
C GLY A 275 -15.82 2.92 23.74
N MET A 276 -15.70 4.12 23.19
CA MET A 276 -14.85 5.15 23.77
C MET A 276 -15.59 6.09 24.72
N ASN A 277 -16.91 6.06 24.72
CA ASN A 277 -17.72 6.95 25.57
C ASN A 277 -17.35 8.41 25.32
N GLY A 278 -17.28 8.78 24.04
CA GLY A 278 -17.10 10.16 23.64
C GLY A 278 -15.69 10.70 23.73
N ARG A 279 -14.72 9.88 24.13
CA ARG A 279 -13.34 10.32 24.23
C ARG A 279 -12.59 9.96 22.96
N THR A 280 -11.33 10.37 22.88
CA THR A 280 -10.52 10.14 21.69
C THR A 280 -9.15 9.58 22.08
N ILE A 281 -8.52 8.94 21.10
CA ILE A 281 -7.17 8.41 21.23
C ILE A 281 -6.35 8.94 20.08
N LEU A 282 -5.34 9.75 20.37
CA LEU A 282 -4.48 10.34 19.35
C LEU A 282 -5.31 11.03 18.28
N GLY A 283 -6.36 11.73 18.72
CA GLY A 283 -7.20 12.49 17.81
C GLY A 283 -8.13 11.67 16.96
N SER A 284 -8.40 10.43 17.34
CA SER A 284 -9.33 9.58 16.61
C SER A 284 -10.40 9.07 17.55
N ALA A 285 -11.63 9.01 17.06
CA ALA A 285 -12.74 8.37 17.75
C ALA A 285 -12.92 6.92 17.34
N LEU A 286 -12.07 6.43 16.44
CA LEU A 286 -12.08 5.05 15.99
C LEU A 286 -10.74 4.41 16.31
N LEU A 287 -10.75 3.08 16.39
CA LEU A 287 -9.53 2.31 16.62
C LEU A 287 -8.78 2.19 15.30
N GLU A 288 -7.55 2.71 15.28
CA GLU A 288 -6.77 2.82 14.06
C GLU A 288 -5.90 1.58 13.88
N ASP A 289 -5.92 1.00 12.68
CA ASP A 289 -5.19 -0.24 12.43
C ASP A 289 -4.22 -0.16 11.27
N GLU A 290 -3.86 1.03 10.81
CA GLU A 290 -2.92 1.18 9.70
C GLU A 290 -1.52 1.62 10.17
N PHE A 291 -1.18 1.36 11.43
CA PHE A 291 0.16 1.58 11.97
C PHE A 291 0.72 0.24 12.41
N THR A 292 1.85 -0.16 11.83
CA THR A 292 2.50 -1.38 12.29
C THR A 292 3.28 -1.10 13.56
N PRO A 293 3.58 -2.13 14.36
CA PRO A 293 4.55 -1.95 15.45
C PRO A 293 5.81 -1.21 15.00
N PHE A 294 6.33 -1.55 13.82
CA PHE A 294 7.51 -0.88 13.29
C PHE A 294 7.25 0.61 13.07
N ASP A 295 6.09 0.95 12.50
CA ASP A 295 5.79 2.36 12.26
C ASP A 295 5.83 3.16 13.56
N VAL A 296 5.33 2.56 14.64
CA VAL A 296 5.28 3.28 15.92
C VAL A 296 6.70 3.56 16.42
N VAL A 297 7.53 2.53 16.44
CA VAL A 297 8.92 2.68 16.88
C VAL A 297 9.64 3.71 15.99
N ARG A 298 9.38 3.67 14.68
CA ARG A 298 10.02 4.62 13.76
C ARG A 298 9.76 6.05 14.18
N GLN A 299 8.53 6.35 14.60
CA GLN A 299 8.10 7.71 14.91
C GLN A 299 8.34 8.03 16.38
N CYS A 300 7.73 7.26 17.28
CA CYS A 300 7.92 7.48 18.72
CA CYS A 300 7.92 7.48 18.72
C CYS A 300 9.33 7.06 19.11
N SER A 301 10.08 7.99 19.70
CA SER A 301 11.38 7.69 20.25
C SER A 301 11.24 7.22 21.69
N GLY A 302 12.31 6.62 22.21
CA GLY A 302 12.32 6.11 23.58
C GLY A 302 11.88 7.12 24.62
N ASN B 1 -21.52 -1.73 -9.90
CA ASN B 1 -20.81 -1.28 -11.14
C ASN B 1 -19.52 -2.08 -11.32
N ARG B 2 -18.74 -1.73 -12.34
N ARG B 2 -18.73 -1.73 -12.33
CA ARG B 2 -17.53 -2.45 -12.70
CA ARG B 2 -17.54 -2.47 -12.68
C ARG B 2 -16.28 -1.76 -12.16
C ARG B 2 -16.28 -1.76 -12.19
N ALA B 3 -15.17 -2.49 -12.22
CA ALA B 3 -13.88 -1.90 -11.88
C ALA B 3 -13.48 -0.90 -12.96
N THR B 4 -12.57 0.00 -12.60
CA THR B 4 -12.10 1.07 -13.48
C THR B 4 -10.59 0.97 -13.57
N LEU B 5 -10.09 0.56 -14.73
CA LEU B 5 -8.64 0.63 -14.97
C LEU B 5 -8.23 2.10 -15.01
N GLN B 6 -7.32 2.50 -14.13
CA GLN B 6 -7.01 3.91 -13.97
C GLN B 6 -5.67 4.27 -14.61
#